data_1CF7
#
_entry.id   1CF7
#
_cell.length_a   101.300
_cell.length_b   101.300
_cell.length_c   73.500
_cell.angle_alpha   90.00
_cell.angle_beta   90.00
_cell.angle_gamma   120.00
#
_symmetry.space_group_name_H-M   'P 31 2 1'
#
loop_
_entity.id
_entity.type
_entity.pdbx_description
1 polymer "DNA (5'-D(*AP*TP*TP*TP*TP*CP*GP*CP*GP*CP*GP*GP*TP*TP*TP*T)-3')"
2 polymer "DNA (5'-D(*TP*AP*AP*AP*AP*CP*CP*GP*CP*GP*CP*GP*AP*AP*AP*A)-3')"
3 polymer 'PROTEIN (TRANSCRIPTION FACTOR E2F-4)'
4 polymer 'PROTEIN (TRANSCRIPTION FACTOR DP-2)'
5 water water
#
loop_
_entity_poly.entity_id
_entity_poly.type
_entity_poly.pdbx_seq_one_letter_code
_entity_poly.pdbx_strand_id
1 'polydeoxyribonucleotide' (DA)(DT)(DT)(DT)(DT)(DC)(DG)(DC)(DG)(DC)(DG)(DG)(DT)(DT)(DT)(DT) C
2 'polydeoxyribonucleotide' (DT)(DA)(DA)(DA)(DA)(DC)(DC)(DG)(DC)(DG)(DC)(DG)(DA)(DA)(DA)(DA) D
3 'polypeptide(L)' PPGTPSRHEKSLGLLTTKFVSLLQEAKDGVLDLKLAADTLAVRQKRRIYDITNVLEGIGLIEKKSKNSIQWKGVGP A
4 'polypeptide(L)'
;RSKKGDKNGKGLRHFSMKVCEKVQRKGTTSYNEVADELVSEFTNSNNHLAADSAYDQKNIRRRVYDALNVLMAMNIISKE
KKEIKWIGLPTNSAQ
;
B
#
# COMPACT_ATOMS: atom_id res chain seq x y z
N SER C 6 -0.97 -9.42 -20.65
CA SER C 6 -1.94 -8.29 -20.57
C SER C 6 -2.21 -7.98 -19.12
N ARG C 7 -2.12 -8.99 -18.26
CA ARG C 7 -2.39 -8.84 -16.81
C ARG C 7 -1.56 -7.71 -16.17
N HIS C 8 -0.76 -7.00 -16.95
CA HIS C 8 0.02 -5.91 -16.40
C HIS C 8 -0.72 -4.61 -16.61
N GLU C 9 -1.60 -4.57 -17.60
CA GLU C 9 -2.36 -3.37 -17.89
C GLU C 9 -3.35 -3.16 -16.77
N LYS C 10 -3.69 -4.25 -16.09
CA LYS C 10 -4.63 -4.20 -14.99
C LYS C 10 -3.93 -4.32 -13.63
N SER C 11 -2.84 -3.57 -13.44
CA SER C 11 -2.11 -3.61 -12.18
C SER C 11 -2.41 -2.40 -11.26
N LEU C 12 -2.51 -2.69 -9.98
CA LEU C 12 -2.79 -1.67 -8.98
C LEU C 12 -1.79 -0.52 -9.22
N GLY C 13 -0.54 -0.93 -9.45
CA GLY C 13 0.53 0.03 -9.67
C GLY C 13 0.25 1.02 -10.79
N LEU C 14 -0.33 0.55 -11.89
CA LEU C 14 -0.62 1.48 -12.96
C LEU C 14 -1.71 2.39 -12.44
N LEU C 15 -2.78 1.81 -11.90
CA LEU C 15 -3.85 2.63 -11.36
C LEU C 15 -3.29 3.69 -10.44
N THR C 16 -2.29 3.29 -9.67
CA THR C 16 -1.66 4.18 -8.74
C THR C 16 -1.14 5.40 -9.45
N THR C 17 -0.28 5.17 -10.44
CA THR C 17 0.33 6.27 -11.20
C THR C 17 -0.69 7.27 -11.67
N LYS C 18 -1.82 6.77 -12.15
CA LYS C 18 -2.89 7.64 -12.62
C LYS C 18 -3.47 8.44 -11.44
N PHE C 19 -3.80 7.73 -10.37
CA PHE C 19 -4.36 8.34 -9.19
C PHE C 19 -3.45 9.50 -8.76
N VAL C 20 -2.14 9.27 -8.82
CA VAL C 20 -1.17 10.29 -8.42
C VAL C 20 -1.23 11.50 -9.30
N SER C 21 -1.17 11.28 -10.60
CA SER C 21 -1.24 12.38 -11.54
C SER C 21 -2.56 13.13 -11.33
N LEU C 22 -3.65 12.37 -11.25
CA LEU C 22 -4.99 12.95 -11.03
C LEU C 22 -4.88 13.82 -9.80
N LEU C 23 -4.31 13.25 -8.76
CA LEU C 23 -4.10 13.90 -7.48
C LEU C 23 -3.35 15.22 -7.67
N GLN C 24 -2.05 15.13 -7.98
CA GLN C 24 -1.24 16.33 -8.16
C GLN C 24 -1.79 17.38 -9.12
N GLU C 25 -2.69 17.00 -10.01
CA GLU C 25 -3.26 17.99 -10.93
C GLU C 25 -4.30 18.79 -10.14
N ALA C 26 -5.35 18.11 -9.67
CA ALA C 26 -6.38 18.78 -8.89
C ALA C 26 -5.68 19.54 -7.77
N LYS C 27 -5.63 20.87 -7.89
CA LYS C 27 -4.97 21.73 -6.94
C LYS C 27 -5.81 21.77 -5.65
N ASP C 28 -5.47 22.66 -4.71
CA ASP C 28 -6.17 22.74 -3.43
C ASP C 28 -5.53 21.66 -2.56
N GLY C 29 -5.44 20.48 -3.14
CA GLY C 29 -4.86 19.34 -2.45
C GLY C 29 -5.99 18.37 -2.21
N VAL C 30 -7.17 18.76 -2.65
CA VAL C 30 -8.35 17.94 -2.45
C VAL C 30 -8.77 17.10 -3.65
N LEU C 31 -9.08 15.83 -3.39
CA LEU C 31 -9.49 14.91 -4.42
C LEU C 31 -10.82 14.29 -4.04
N ASP C 32 -11.68 14.12 -5.05
CA ASP C 32 -13.00 13.54 -4.86
C ASP C 32 -12.91 12.09 -5.32
N LEU C 33 -13.03 11.16 -4.38
CA LEU C 33 -12.92 9.74 -4.71
C LEU C 33 -13.84 9.31 -5.83
N LYS C 34 -14.90 10.07 -6.07
CA LYS C 34 -15.84 9.76 -7.14
C LYS C 34 -15.25 10.04 -8.53
N LEU C 35 -14.51 11.14 -8.67
CA LEU C 35 -13.91 11.48 -9.96
C LEU C 35 -12.92 10.42 -10.40
N ALA C 36 -11.89 10.24 -9.59
CA ALA C 36 -10.85 9.26 -9.86
C ALA C 36 -11.49 7.95 -10.27
N ALA C 37 -12.49 7.53 -9.50
CA ALA C 37 -13.20 6.29 -9.78
C ALA C 37 -13.44 6.11 -11.28
N ASP C 38 -14.07 7.09 -11.89
CA ASP C 38 -14.35 7.04 -13.34
C ASP C 38 -13.05 7.14 -14.09
N THR C 39 -12.42 8.30 -13.93
CA THR C 39 -11.15 8.63 -14.56
C THR C 39 -10.16 7.47 -14.51
N LEU C 40 -10.25 6.63 -13.49
CA LEU C 40 -9.33 5.50 -13.33
C LEU C 40 -9.85 4.17 -13.82
N ALA C 41 -10.17 4.11 -15.11
CA ALA C 41 -10.64 2.88 -15.74
C ALA C 41 -12.00 2.42 -15.24
N VAL C 42 -12.48 3.03 -14.16
CA VAL C 42 -13.75 2.60 -13.60
C VAL C 42 -13.72 1.06 -13.54
N ARG C 43 -12.52 0.53 -13.29
CA ARG C 43 -12.27 -0.92 -13.18
C ARG C 43 -13.09 -1.56 -12.07
N GLN C 44 -13.42 -0.74 -11.06
CA GLN C 44 -14.23 -1.06 -9.89
C GLN C 44 -13.75 -0.36 -8.64
N LYS C 45 -14.69 0.33 -7.99
CA LYS C 45 -14.44 1.12 -6.79
C LYS C 45 -13.44 0.51 -5.85
N ARG C 46 -13.69 -0.74 -5.46
CA ARG C 46 -12.83 -1.46 -4.53
C ARG C 46 -11.37 -1.05 -4.63
N ARG C 47 -10.83 -1.13 -5.84
CA ARG C 47 -9.43 -0.77 -6.07
C ARG C 47 -8.98 0.59 -5.53
N ILE C 48 -9.84 1.60 -5.62
CA ILE C 48 -9.44 2.91 -5.14
C ILE C 48 -9.01 2.81 -3.69
N TYR C 49 -9.78 2.06 -2.92
CA TYR C 49 -9.44 1.95 -1.53
C TYR C 49 -8.08 1.29 -1.33
N ASP C 50 -7.68 0.44 -2.29
CA ASP C 50 -6.38 -0.22 -2.18
C ASP C 50 -5.36 0.91 -2.19
N ILE C 51 -5.54 1.88 -3.07
CA ILE C 51 -4.55 2.95 -3.10
C ILE C 51 -4.61 3.81 -1.85
N THR C 52 -5.78 4.37 -1.54
CA THR C 52 -5.88 5.22 -0.36
C THR C 52 -5.40 4.57 0.93
N ASN C 53 -5.71 3.30 1.19
CA ASN C 53 -5.25 2.71 2.45
C ASN C 53 -3.73 2.77 2.65
N VAL C 54 -2.97 2.52 1.59
CA VAL C 54 -1.54 2.56 1.79
C VAL C 54 -1.00 4.00 1.81
N LEU C 55 -1.57 4.91 1.04
CA LEU C 55 -1.10 6.28 1.13
C LEU C 55 -1.42 6.86 2.54
N GLU C 56 -2.52 6.40 3.16
CA GLU C 56 -2.92 6.87 4.49
C GLU C 56 -2.02 6.26 5.57
N GLY C 57 -1.67 4.98 5.39
CA GLY C 57 -0.80 4.32 6.35
C GLY C 57 0.57 4.98 6.46
N ILE C 58 1.04 5.54 5.35
CA ILE C 58 2.33 6.19 5.28
C ILE C 58 2.21 7.61 5.83
N GLY C 59 1.03 8.17 5.73
CA GLY C 59 0.87 9.52 6.20
C GLY C 59 1.03 10.55 5.09
N LEU C 60 0.94 10.15 3.82
CA LEU C 60 1.06 11.12 2.73
C LEU C 60 -0.29 11.70 2.37
N ILE C 61 -1.33 11.23 3.04
CA ILE C 61 -2.66 11.69 2.71
C ILE C 61 -3.57 11.47 3.89
N GLU C 62 -4.83 11.90 3.76
CA GLU C 62 -5.77 11.75 4.86
C GLU C 62 -7.22 11.94 4.43
N LYS C 63 -8.15 11.30 5.15
CA LYS C 63 -9.54 11.47 4.79
C LYS C 63 -9.90 12.89 5.20
N LYS C 64 -10.50 13.65 4.29
CA LYS C 64 -10.89 15.01 4.62
C LYS C 64 -12.40 15.03 4.84
N SER C 65 -13.11 14.21 4.05
CA SER C 65 -14.57 14.06 4.13
C SER C 65 -15.02 12.93 3.20
N LYS C 66 -16.09 12.23 3.58
CA LYS C 66 -16.58 11.10 2.79
C LYS C 66 -16.40 11.32 1.30
N ASN C 67 -15.90 10.30 0.61
CA ASN C 67 -15.68 10.37 -0.83
C ASN C 67 -14.67 11.46 -1.14
N SER C 68 -13.91 11.88 -0.14
CA SER C 68 -12.94 12.93 -0.36
C SER C 68 -11.68 12.80 0.53
N ILE C 69 -10.53 13.14 -0.04
CA ILE C 69 -9.27 13.07 0.71
C ILE C 69 -8.28 14.21 0.39
N GLN C 70 -7.44 14.56 1.39
CA GLN C 70 -6.46 15.64 1.28
C GLN C 70 -4.99 15.23 1.18
N TRP C 71 -4.28 15.74 0.19
CA TRP C 71 -2.86 15.40 0.04
C TRP C 71 -2.01 15.92 1.16
N LYS C 72 -1.20 15.02 1.71
CA LYS C 72 -0.28 15.28 2.80
C LYS C 72 -0.97 15.67 4.09
N GLY D 9 -4.19 -2.25 13.86
CA GLY D 9 -4.57 -3.64 14.22
C GLY D 9 -4.32 -4.53 13.01
N LYS D 10 -5.12 -4.32 11.98
CA LYS D 10 -4.95 -5.04 10.73
C LYS D 10 -5.36 -4.15 9.58
N GLY D 11 -5.65 -4.75 8.43
CA GLY D 11 -5.99 -3.95 7.28
C GLY D 11 -4.77 -3.39 6.54
N LEU D 12 -4.94 -3.20 5.24
CA LEU D 12 -3.89 -2.71 4.38
C LEU D 12 -3.19 -1.52 5.00
N ARG D 13 -3.98 -0.57 5.50
CA ARG D 13 -3.42 0.61 6.13
C ARG D 13 -2.42 0.27 7.25
N HIS D 14 -2.69 -0.72 8.07
CA HIS D 14 -1.74 -1.02 9.12
C HIS D 14 -0.50 -1.79 8.64
N PHE D 15 -0.64 -2.60 7.60
CA PHE D 15 0.51 -3.35 7.09
C PHE D 15 1.43 -2.53 6.16
N SER D 16 0.90 -1.53 5.48
CA SER D 16 1.72 -0.69 4.62
C SER D 16 2.72 0.07 5.48
N MET D 17 2.33 0.38 6.70
CA MET D 17 3.23 1.12 7.58
C MET D 17 4.35 0.15 8.05
N LYS D 18 3.97 -1.10 8.32
CA LYS D 18 4.94 -2.10 8.73
C LYS D 18 5.97 -2.31 7.60
N VAL D 19 5.45 -2.43 6.39
CA VAL D 19 6.27 -2.62 5.22
C VAL D 19 7.24 -1.49 5.01
N CYS D 20 6.70 -0.28 4.94
CA CYS D 20 7.50 0.91 4.69
C CYS D 20 8.60 1.12 5.78
N GLU D 21 8.34 0.72 7.02
CA GLU D 21 9.35 0.88 8.10
C GLU D 21 10.45 -0.13 7.86
N LYS D 22 10.03 -1.37 7.65
CA LYS D 22 10.96 -2.48 7.44
C LYS D 22 11.99 -2.18 6.34
N VAL D 23 11.50 -1.84 5.16
CA VAL D 23 12.38 -1.55 4.07
C VAL D 23 13.38 -0.43 4.37
N GLN D 24 12.90 0.72 4.85
CA GLN D 24 13.83 1.80 5.15
C GLN D 24 14.84 1.27 6.14
N ARG D 25 14.40 0.67 7.24
CA ARG D 25 15.34 0.17 8.21
C ARG D 25 16.33 -0.86 7.70
N LYS D 26 15.97 -1.62 6.66
CA LYS D 26 16.91 -2.61 6.16
C LYS D 26 17.72 -2.14 4.98
N GLY D 27 17.35 -1.00 4.41
CA GLY D 27 18.07 -0.46 3.26
C GLY D 27 17.86 -1.28 2.02
N THR D 28 18.25 -2.55 2.10
CA THR D 28 18.04 -3.45 0.97
C THR D 28 17.42 -4.76 1.49
N THR D 29 16.46 -5.32 0.77
CA THR D 29 15.84 -6.56 1.28
C THR D 29 14.99 -7.26 0.25
N SER D 30 14.27 -8.30 0.70
CA SER D 30 13.40 -9.10 -0.16
C SER D 30 11.96 -9.32 0.39
N TYR D 31 11.04 -9.67 -0.54
CA TYR D 31 9.64 -9.97 -0.27
C TYR D 31 9.58 -10.91 0.89
N ASN D 32 10.34 -11.98 0.78
CA ASN D 32 10.29 -12.96 1.85
C ASN D 32 10.82 -12.51 3.17
N GLU D 33 11.88 -11.71 3.19
CA GLU D 33 12.39 -11.27 4.49
C GLU D 33 11.32 -10.34 5.11
N VAL D 34 10.77 -9.45 4.29
CA VAL D 34 9.76 -8.55 4.77
C VAL D 34 8.55 -9.30 5.34
N ALA D 35 7.96 -10.14 4.50
CA ALA D 35 6.79 -10.87 4.92
C ALA D 35 6.98 -11.76 6.14
N ASP D 36 8.03 -12.58 6.13
CA ASP D 36 8.24 -13.48 7.26
C ASP D 36 8.35 -12.70 8.57
N GLU D 37 9.02 -11.55 8.56
CA GLU D 37 9.13 -10.77 9.78
C GLU D 37 7.82 -10.12 10.22
N LEU D 38 6.96 -9.74 9.30
CA LEU D 38 5.69 -9.17 9.71
C LEU D 38 4.82 -10.28 10.28
N VAL D 39 4.89 -11.46 9.67
CA VAL D 39 4.09 -12.58 10.10
C VAL D 39 4.51 -12.99 11.51
N SER D 40 5.81 -13.12 11.71
CA SER D 40 6.36 -13.50 13.01
C SER D 40 5.96 -12.50 14.13
N GLU D 41 5.99 -11.20 13.84
CA GLU D 41 5.59 -10.18 14.82
C GLU D 41 4.12 -10.25 15.16
N PHE D 42 3.28 -10.32 14.14
CA PHE D 42 1.85 -10.41 14.37
C PHE D 42 1.59 -11.66 15.21
N THR D 43 2.18 -12.76 14.80
CA THR D 43 2.02 -14.01 15.51
C THR D 43 2.50 -14.03 16.96
N ASN D 44 3.51 -13.22 17.30
CA ASN D 44 3.94 -13.23 18.68
C ASN D 44 3.27 -12.19 19.54
N SER D 45 2.18 -11.63 19.02
CA SER D 45 1.36 -10.65 19.74
C SER D 45 0.81 -11.35 20.99
N ASN D 46 0.73 -10.62 22.09
CA ASN D 46 0.25 -11.21 23.33
C ASN D 46 -1.21 -11.64 23.21
N ASN D 47 -1.98 -10.95 22.40
CA ASN D 47 -3.40 -11.27 22.28
C ASN D 47 -3.76 -12.26 21.14
N HIS D 48 -2.76 -12.95 20.59
CA HIS D 48 -2.95 -13.86 19.48
C HIS D 48 -3.14 -15.36 19.81
N LEU D 49 -3.99 -16.06 19.05
CA LEU D 49 -4.26 -17.52 19.21
C LEU D 49 -3.60 -18.42 18.16
N ALA D 50 -2.81 -19.37 18.64
CA ALA D 50 -2.11 -20.35 17.82
C ALA D 50 -2.87 -21.06 16.69
N ALA D 51 -4.14 -21.31 16.92
CA ALA D 51 -4.94 -21.99 15.92
C ALA D 51 -5.06 -21.12 14.69
N ASP D 52 -4.95 -19.82 14.88
CA ASP D 52 -5.10 -18.91 13.76
C ASP D 52 -3.89 -18.52 12.93
N SER D 53 -2.72 -19.06 13.22
CA SER D 53 -1.50 -18.67 12.49
C SER D 53 -1.39 -18.98 11.00
N ALA D 54 -1.80 -20.17 10.58
CA ALA D 54 -1.76 -20.52 9.17
C ALA D 54 -2.57 -19.52 8.35
N TYR D 55 -3.78 -19.17 8.79
CA TYR D 55 -4.59 -18.13 8.09
C TYR D 55 -3.82 -17.03 8.75
N ASP D 56 -3.86 -15.80 8.29
CA ASP D 56 -2.99 -14.78 8.97
C ASP D 56 -1.68 -14.78 8.23
N GLN D 57 -0.92 -15.87 8.39
CA GLN D 57 0.33 -15.97 7.64
C GLN D 57 -0.06 -15.80 6.16
N LYS D 58 -1.05 -16.58 5.69
CA LYS D 58 -1.48 -16.47 4.29
C LYS D 58 -1.97 -15.08 4.00
N ASN D 59 -2.80 -14.55 4.88
CA ASN D 59 -3.35 -13.24 4.67
C ASN D 59 -2.30 -12.11 4.68
N ILE D 60 -1.35 -12.15 5.62
CA ILE D 60 -0.35 -11.11 5.66
C ILE D 60 0.42 -11.17 4.33
N ARG D 61 0.72 -12.40 3.89
CA ARG D 61 1.43 -12.63 2.62
C ARG D 61 0.77 -12.02 1.40
N ARG D 62 -0.54 -12.13 1.29
CA ARG D 62 -1.20 -11.51 0.15
C ARG D 62 -1.20 -10.00 0.33
N ARG D 63 -1.32 -9.54 1.57
CA ARG D 63 -1.34 -8.10 1.79
C ARG D 63 -0.06 -7.43 1.39
N VAL D 64 1.06 -8.04 1.76
CA VAL D 64 2.33 -7.40 1.43
C VAL D 64 2.54 -7.04 -0.07
N TYR D 65 2.01 -7.86 -0.98
CA TYR D 65 2.12 -7.56 -2.39
C TYR D 65 1.42 -6.25 -2.69
N ASP D 66 0.20 -6.07 -2.18
CA ASP D 66 -0.49 -4.80 -2.45
C ASP D 66 0.29 -3.58 -1.98
N ALA D 67 0.86 -3.65 -0.78
CA ALA D 67 1.62 -2.51 -0.26
C ALA D 67 2.85 -2.24 -1.14
N LEU D 68 3.71 -3.26 -1.30
CA LEU D 68 4.91 -3.11 -2.14
C LEU D 68 4.57 -2.46 -3.48
N ASN D 69 3.53 -2.93 -4.13
CA ASN D 69 3.15 -2.38 -5.42
C ASN D 69 2.74 -0.92 -5.47
N VAL D 70 2.08 -0.35 -4.45
CA VAL D 70 1.77 1.08 -4.64
C VAL D 70 3.02 1.84 -4.17
N LEU D 71 3.65 1.34 -3.12
CA LEU D 71 4.83 1.97 -2.62
C LEU D 71 5.85 2.07 -3.77
N MET D 72 5.85 1.04 -4.62
CA MET D 72 6.76 0.94 -5.76
C MET D 72 6.43 2.05 -6.72
N ALA D 73 5.17 2.07 -7.15
CA ALA D 73 4.67 3.07 -8.07
C ALA D 73 4.82 4.49 -7.55
N MET D 74 5.06 4.68 -6.26
CA MET D 74 5.21 6.03 -5.74
C MET D 74 6.68 6.41 -5.80
N ASN D 75 7.50 5.46 -6.25
CA ASN D 75 8.93 5.71 -6.32
C ASN D 75 9.51 5.87 -4.92
N ILE D 76 8.90 5.24 -3.92
CA ILE D 76 9.41 5.35 -2.58
C ILE D 76 10.40 4.22 -2.35
N ILE D 77 10.24 3.14 -3.13
CA ILE D 77 11.14 1.99 -3.04
C ILE D 77 11.49 1.41 -4.41
N SER D 78 12.45 0.47 -4.42
CA SER D 78 13.01 -0.21 -5.61
C SER D 78 12.32 -1.40 -6.24
N LYS D 79 12.47 -2.56 -5.60
CA LYS D 79 11.90 -3.81 -6.14
C LYS D 79 12.34 -3.99 -7.60
N GLU D 80 13.50 -4.62 -7.79
CA GLU D 80 14.06 -4.89 -9.14
C GLU D 80 14.56 -6.35 -9.24
N LYS D 81 13.67 -7.24 -9.68
CA LYS D 81 13.95 -8.67 -9.83
C LYS D 81 14.30 -9.32 -8.48
N LYS D 82 13.37 -9.24 -7.54
CA LYS D 82 13.59 -9.82 -6.22
C LYS D 82 14.40 -8.95 -5.27
N GLU D 83 14.96 -7.85 -5.76
CA GLU D 83 15.74 -6.97 -4.87
C GLU D 83 14.93 -5.72 -4.62
N ILE D 84 14.59 -5.52 -3.35
CA ILE D 84 13.81 -4.37 -2.93
C ILE D 84 14.73 -3.40 -2.22
N LYS D 85 14.69 -2.14 -2.65
CA LYS D 85 15.54 -1.11 -2.05
C LYS D 85 14.77 0.14 -1.69
N TRP D 86 15.20 0.77 -0.60
CA TRP D 86 14.61 2.01 -0.10
C TRP D 86 14.97 3.18 -1.00
N ILE D 87 14.18 4.23 -0.92
CA ILE D 87 14.42 5.45 -1.66
C ILE D 87 13.98 6.54 -0.70
N GLY D 88 12.76 7.06 -0.85
CA GLY D 88 12.32 8.11 0.05
C GLY D 88 10.92 8.62 -0.19
N LEU D 89 10.29 9.06 0.90
CA LEU D 89 8.91 9.53 0.93
C LEU D 89 8.20 10.40 -0.10
N PRO D 90 8.70 11.63 -0.37
CA PRO D 90 7.91 12.32 -1.37
C PRO D 90 7.89 11.46 -2.63
#